data_1JXH
#
_entry.id   1JXH
#
_cell.length_a   77.724
_cell.length_b   77.724
_cell.length_c   183.419
_cell.angle_alpha   90.00
_cell.angle_beta   90.00
_cell.angle_gamma   90.00
#
_symmetry.space_group_name_H-M   'P 41 21 2'
#
loop_
_entity.id
_entity.type
_entity.pdbx_description
1 polymer 'PHOSPHOMETHYLPYRIMIDINE KINASE'
2 non-polymer 'SULFATE ION'
3 water water
#
_entity_poly.entity_id   1
_entity_poly.type   'polypeptide(L)'
_entity_poly.pdbx_seq_one_letter_code
;MGHHHHHHHHHHSSGYHIQGRHMQRINALTIAGTDPSGGAGIQADLKTFSALGAYGCSVITALVAENTCGVQSVYRIEPD
FVAAQLDSVFSDVRIDTTKIGMLAETDIVEAVAERLQRHHVRNVVLDTVMLAKSGDPLLSPSAIETLRVRLLPQVSLITP
NLPEAAALLDAPHARTEQEMLAQGRALLAMGCEAVLMKGGHLEDAQSPDWLFTREGEQRFSAPRVNTKNTHGTGCTLSAA
LAALRPRHRSWGETVNEAKAWLSAALAQADTLEVGKGIGPVHHFHAWW
;
_entity_poly.pdbx_strand_id   A,B
#
loop_
_chem_comp.id
_chem_comp.type
_chem_comp.name
_chem_comp.formula
SO4 non-polymer 'SULFATE ION' 'O4 S -2'
#
# COMPACT_ATOMS: atom_id res chain seq x y z
N MET A 23 8.62 -14.99 16.64
CA MET A 23 7.25 -14.45 16.90
C MET A 23 6.21 -15.11 15.99
N GLN A 24 5.03 -15.38 16.52
CA GLN A 24 3.97 -15.99 15.74
C GLN A 24 3.59 -15.06 14.58
N ARG A 25 3.14 -15.64 13.47
CA ARG A 25 2.74 -14.86 12.33
C ARG A 25 1.38 -14.20 12.55
N ILE A 26 1.33 -12.89 12.31
CA ILE A 26 0.09 -12.16 12.44
C ILE A 26 -0.20 -11.44 11.13
N ASN A 27 -1.46 -11.55 10.69
CA ASN A 27 -1.89 -10.90 9.47
C ASN A 27 -2.79 -9.74 9.91
N ALA A 28 -2.49 -8.55 9.40
CA ALA A 28 -3.24 -7.36 9.73
C ALA A 28 -3.92 -6.80 8.51
N LEU A 29 -5.15 -6.34 8.69
CA LEU A 29 -5.90 -5.78 7.58
C LEU A 29 -6.26 -4.32 7.83
N THR A 30 -6.19 -3.52 6.77
CA THR A 30 -6.60 -2.14 6.90
C THR A 30 -7.72 -1.94 5.89
N ILE A 31 -8.78 -1.26 6.33
CA ILE A 31 -9.94 -0.95 5.50
C ILE A 31 -9.95 0.56 5.55
N ALA A 32 -9.48 1.19 4.47
CA ALA A 32 -9.39 2.64 4.47
C ALA A 32 -9.20 3.29 3.09
N GLY A 33 -8.98 4.59 3.10
CA GLY A 33 -8.77 5.34 1.87
C GLY A 33 -7.29 5.40 1.52
N THR A 34 -6.97 6.00 0.37
CA THR A 34 -5.58 6.08 -0.05
C THR A 34 -4.94 7.45 -0.02
N ASP A 35 -3.62 7.46 -0.06
CA ASP A 35 -2.82 8.68 -0.10
C ASP A 35 -1.66 8.32 -1.03
N PRO A 36 -1.71 8.84 -2.27
CA PRO A 36 -0.67 8.58 -3.27
C PRO A 36 0.71 9.01 -2.79
N SER A 37 0.76 10.09 -2.02
CA SER A 37 2.05 10.59 -1.51
C SER A 37 2.63 9.66 -0.44
N GLY A 38 1.92 8.58 -0.14
CA GLY A 38 2.39 7.58 0.81
C GLY A 38 2.51 7.86 2.29
N GLY A 39 1.95 8.97 2.77
CA GLY A 39 2.09 9.28 4.18
C GLY A 39 0.91 8.93 5.06
N ALA A 40 -0.27 8.81 4.46
CA ALA A 40 -1.48 8.48 5.21
C ALA A 40 -2.24 7.35 4.51
N GLY A 41 -3.49 7.15 4.88
CA GLY A 41 -4.31 6.10 4.26
C GLY A 41 -3.75 4.70 4.40
N ILE A 42 -4.16 3.79 3.50
CA ILE A 42 -3.68 2.42 3.56
C ILE A 42 -2.18 2.37 3.35
N GLN A 43 -1.61 3.40 2.72
CA GLN A 43 -0.17 3.45 2.50
C GLN A 43 0.51 3.53 3.85
N ALA A 44 0.02 4.41 4.72
CA ALA A 44 0.59 4.54 6.05
C ALA A 44 0.27 3.29 6.88
N ASP A 45 -0.96 2.78 6.79
CA ASP A 45 -1.36 1.61 7.55
C ASP A 45 -0.44 0.43 7.21
N LEU A 46 -0.28 0.18 5.92
CA LEU A 46 0.57 -0.91 5.44
C LEU A 46 2.04 -0.75 5.86
N LYS A 47 2.57 0.47 5.82
CA LYS A 47 3.95 0.68 6.23
C LYS A 47 4.09 0.38 7.72
N THR A 48 3.12 0.85 8.50
CA THR A 48 3.12 0.63 9.93
C THR A 48 3.03 -0.84 10.26
N PHE A 49 2.13 -1.57 9.58
CA PHE A 49 2.02 -3.01 9.80
C PHE A 49 3.40 -3.63 9.56
N SER A 50 3.95 -3.34 8.39
CA SER A 50 5.26 -3.86 8.00
C SER A 50 6.37 -3.56 9.01
N ALA A 51 6.44 -2.32 9.47
CA ALA A 51 7.46 -1.91 10.41
C ALA A 51 7.30 -2.56 11.78
N LEU A 52 6.10 -3.06 12.07
CA LEU A 52 5.83 -3.67 13.36
C LEU A 52 5.68 -5.19 13.34
N GLY A 53 6.20 -5.82 12.29
CA GLY A 53 6.15 -7.27 12.20
C GLY A 53 4.84 -7.96 11.88
N ALA A 54 4.03 -7.37 11.01
CA ALA A 54 2.76 -7.98 10.63
C ALA A 54 2.59 -7.98 9.11
N TYR A 55 2.07 -9.08 8.57
CA TYR A 55 1.82 -9.18 7.13
C TYR A 55 0.58 -8.32 6.87
N GLY A 56 0.69 -7.39 5.92
CA GLY A 56 -0.45 -6.51 5.65
C GLY A 56 -1.36 -6.78 4.47
N CYS A 57 -2.66 -6.61 4.72
CA CYS A 57 -3.71 -6.76 3.72
C CYS A 57 -4.42 -5.40 3.70
N SER A 58 -5.11 -5.08 2.62
CA SER A 58 -5.79 -3.79 2.56
C SER A 58 -6.99 -3.75 1.62
N VAL A 59 -8.13 -3.29 2.16
CA VAL A 59 -9.34 -3.13 1.38
C VAL A 59 -9.49 -1.63 1.21
N ILE A 60 -9.61 -1.17 -0.04
CA ILE A 60 -9.74 0.25 -0.32
C ILE A 60 -11.21 0.69 -0.36
N THR A 61 -11.54 1.69 0.46
CA THR A 61 -12.90 2.21 0.55
C THR A 61 -13.13 3.42 -0.32
N ALA A 62 -12.05 4.12 -0.67
CA ALA A 62 -12.15 5.31 -1.48
C ALA A 62 -10.77 5.70 -1.94
N LEU A 63 -10.70 6.30 -3.13
CA LEU A 63 -9.43 6.73 -3.67
C LEU A 63 -9.38 8.24 -3.55
N VAL A 64 -8.20 8.79 -3.33
CA VAL A 64 -8.09 10.23 -3.23
C VAL A 64 -6.77 10.71 -3.79
N ALA A 65 -6.83 11.78 -4.57
CA ALA A 65 -5.63 12.39 -5.13
C ALA A 65 -5.24 13.28 -3.96
N GLU A 66 -4.32 12.78 -3.16
CA GLU A 66 -3.90 13.48 -1.95
C GLU A 66 -2.47 13.94 -2.05
N ASN A 67 -2.14 14.89 -1.19
CA ASN A 67 -0.83 15.50 -1.24
C ASN A 67 -0.32 15.93 0.13
N THR A 68 0.97 16.27 0.19
CA THR A 68 1.58 16.72 1.43
C THR A 68 1.09 18.16 1.67
N CYS A 69 0.44 18.73 0.64
CA CYS A 69 -0.10 20.09 0.71
C CYS A 69 -1.63 20.05 0.83
N GLY A 70 -2.20 18.86 0.92
CA GLY A 70 -3.65 18.76 1.04
C GLY A 70 -4.31 17.86 0.03
N VAL A 71 -5.64 17.79 0.10
CA VAL A 71 -6.44 16.97 -0.79
C VAL A 71 -6.83 17.68 -2.06
N GLN A 72 -6.51 17.09 -3.21
CA GLN A 72 -6.87 17.69 -4.49
C GLN A 72 -8.26 17.25 -4.93
N SER A 73 -8.57 15.97 -4.76
CA SER A 73 -9.88 15.45 -5.13
C SER A 73 -10.10 14.03 -4.60
N VAL A 74 -11.38 13.66 -4.47
CA VAL A 74 -11.76 12.35 -3.99
C VAL A 74 -12.51 11.59 -5.07
N TYR A 75 -12.21 10.31 -5.20
CA TYR A 75 -12.83 9.46 -6.20
C TYR A 75 -13.55 8.37 -5.43
N ARG A 76 -14.88 8.30 -5.51
CA ARG A 76 -15.57 7.26 -4.76
C ARG A 76 -15.65 5.92 -5.46
N ILE A 77 -15.69 4.88 -4.63
CA ILE A 77 -15.77 3.50 -5.08
C ILE A 77 -17.15 2.96 -4.72
N GLU A 78 -17.70 2.10 -5.58
CA GLU A 78 -19.02 1.52 -5.33
C GLU A 78 -18.98 0.63 -4.10
N PRO A 79 -19.88 0.85 -3.14
CA PRO A 79 -19.91 0.04 -1.93
C PRO A 79 -19.84 -1.46 -2.24
N ASP A 80 -20.41 -1.86 -3.36
CA ASP A 80 -20.40 -3.26 -3.79
C ASP A 80 -18.99 -3.78 -4.04
N PHE A 81 -18.11 -2.93 -4.58
CA PHE A 81 -16.74 -3.38 -4.83
C PHE A 81 -15.96 -3.44 -3.51
N VAL A 82 -16.35 -2.61 -2.55
CA VAL A 82 -15.68 -2.61 -1.24
C VAL A 82 -16.03 -3.97 -0.64
N ALA A 83 -17.30 -4.36 -0.77
CA ALA A 83 -17.77 -5.65 -0.25
C ALA A 83 -17.02 -6.77 -0.97
N ALA A 84 -16.88 -6.64 -2.28
CA ALA A 84 -16.17 -7.64 -3.07
C ALA A 84 -14.72 -7.75 -2.55
N GLN A 85 -14.10 -6.62 -2.25
CA GLN A 85 -12.73 -6.61 -1.74
C GLN A 85 -12.71 -7.32 -0.39
N LEU A 86 -13.67 -6.98 0.48
CA LEU A 86 -13.75 -7.61 1.79
C LEU A 86 -13.85 -9.12 1.63
N ASP A 87 -14.67 -9.57 0.68
CA ASP A 87 -14.84 -11.00 0.47
C ASP A 87 -13.57 -11.68 -0.03
N SER A 88 -12.86 -11.04 -0.95
CA SER A 88 -11.64 -11.62 -1.47
C SER A 88 -10.64 -11.87 -0.32
N VAL A 89 -10.64 -10.97 0.65
CA VAL A 89 -9.72 -11.14 1.77
C VAL A 89 -10.19 -12.16 2.81
N PHE A 90 -11.38 -11.95 3.37
CA PHE A 90 -11.89 -12.84 4.41
C PHE A 90 -12.16 -14.29 4.00
N SER A 91 -12.37 -14.52 2.71
CA SER A 91 -12.64 -15.87 2.22
C SER A 91 -11.34 -16.61 1.94
N ASP A 92 -10.21 -15.95 2.16
CA ASP A 92 -8.92 -16.59 1.87
C ASP A 92 -7.80 -16.36 2.88
N VAL A 93 -7.76 -15.18 3.48
CA VAL A 93 -6.70 -14.89 4.44
C VAL A 93 -7.23 -14.76 5.87
N ARG A 94 -6.57 -15.45 6.80
CA ARG A 94 -6.94 -15.38 8.21
C ARG A 94 -6.48 -13.99 8.69
N ILE A 95 -7.41 -13.18 9.18
CA ILE A 95 -7.08 -11.85 9.67
C ILE A 95 -7.06 -11.84 11.21
N ASP A 96 -5.92 -11.48 11.79
CA ASP A 96 -5.76 -11.45 13.25
C ASP A 96 -6.07 -10.09 13.89
N THR A 97 -5.85 -9.01 13.15
CA THR A 97 -6.16 -7.65 13.62
C THR A 97 -6.62 -6.81 12.45
N THR A 98 -7.42 -5.80 12.75
CA THR A 98 -7.95 -4.94 11.71
C THR A 98 -8.00 -3.48 12.14
N LYS A 99 -7.65 -2.59 11.22
CA LYS A 99 -7.69 -1.17 11.47
C LYS A 99 -8.64 -0.60 10.43
N ILE A 100 -9.52 0.32 10.86
CA ILE A 100 -10.48 0.92 9.96
C ILE A 100 -10.27 2.43 9.90
N GLY A 101 -10.18 2.96 8.69
CA GLY A 101 -10.02 4.39 8.51
C GLY A 101 -11.23 5.00 7.82
N MET A 102 -10.97 5.72 6.73
CA MET A 102 -12.02 6.36 5.95
C MET A 102 -13.09 5.36 5.51
N LEU A 103 -14.35 5.66 5.84
CA LEU A 103 -15.47 4.81 5.47
C LEU A 103 -16.32 5.51 4.40
N ALA A 104 -16.26 6.84 4.37
CA ALA A 104 -16.95 7.66 3.38
C ALA A 104 -18.47 7.76 3.38
N GLU A 105 -19.17 6.63 3.24
CA GLU A 105 -20.62 6.70 3.21
C GLU A 105 -21.34 5.54 3.89
N THR A 106 -22.65 5.71 4.07
CA THR A 106 -23.51 4.73 4.71
C THR A 106 -23.39 3.30 4.19
N ASP A 107 -23.44 3.13 2.87
CA ASP A 107 -23.36 1.80 2.31
C ASP A 107 -22.02 1.11 2.57
N ILE A 108 -20.95 1.90 2.69
CA ILE A 108 -19.64 1.34 2.97
C ILE A 108 -19.65 0.87 4.43
N VAL A 109 -20.10 1.74 5.34
CA VAL A 109 -20.17 1.40 6.75
C VAL A 109 -20.94 0.11 6.95
N GLU A 110 -22.11 0.02 6.31
CA GLU A 110 -22.95 -1.16 6.40
C GLU A 110 -22.22 -2.40 5.87
N ALA A 111 -21.61 -2.27 4.69
CA ALA A 111 -20.89 -3.39 4.09
C ALA A 111 -19.77 -3.89 5.00
N VAL A 112 -19.04 -2.97 5.62
CA VAL A 112 -17.94 -3.34 6.53
C VAL A 112 -18.47 -4.01 7.79
N ALA A 113 -19.47 -3.39 8.42
CA ALA A 113 -20.05 -3.93 9.64
C ALA A 113 -20.55 -5.35 9.39
N GLU A 114 -21.24 -5.53 8.27
CA GLU A 114 -21.79 -6.83 7.91
C GLU A 114 -20.71 -7.91 7.76
N ARG A 115 -19.60 -7.59 7.11
CA ARG A 115 -18.54 -8.59 6.95
C ARG A 115 -17.81 -8.83 8.26
N LEU A 116 -17.66 -7.79 9.07
CA LEU A 116 -17.02 -7.92 10.37
C LEU A 116 -17.80 -8.90 11.22
N GLN A 117 -19.13 -8.77 11.19
CA GLN A 117 -20.01 -9.64 11.96
C GLN A 117 -19.96 -11.06 11.44
N ARG A 118 -20.11 -11.22 10.12
CA ARG A 118 -20.11 -12.53 9.50
C ARG A 118 -18.86 -13.35 9.79
N HIS A 119 -17.70 -12.71 9.73
CA HIS A 119 -16.44 -13.40 9.98
C HIS A 119 -15.90 -13.30 11.39
N HIS A 120 -16.72 -12.83 12.33
CA HIS A 120 -16.32 -12.70 13.73
C HIS A 120 -14.94 -12.08 13.85
N VAL A 121 -14.74 -10.93 13.22
CA VAL A 121 -13.46 -10.28 13.24
C VAL A 121 -13.15 -9.66 14.60
N ARG A 122 -11.98 -10.02 15.15
CA ARG A 122 -11.58 -9.50 16.45
C ARG A 122 -10.51 -8.44 16.33
N ASN A 123 -10.15 -7.85 17.47
CA ASN A 123 -9.14 -6.81 17.52
C ASN A 123 -9.38 -5.73 16.48
N VAL A 124 -10.59 -5.20 16.43
CA VAL A 124 -10.90 -4.16 15.46
C VAL A 124 -10.62 -2.78 16.06
N VAL A 125 -9.68 -2.07 15.44
CA VAL A 125 -9.34 -0.72 15.88
C VAL A 125 -10.00 0.22 14.90
N LEU A 126 -10.91 1.06 15.40
CA LEU A 126 -11.59 2.01 14.53
C LEU A 126 -11.10 3.44 14.72
N ASP A 127 -10.43 3.97 13.71
CA ASP A 127 -9.99 5.35 13.81
C ASP A 127 -11.23 6.13 13.41
N THR A 128 -11.32 7.38 13.84
CA THR A 128 -12.48 8.19 13.52
C THR A 128 -12.23 9.27 12.48
N VAL A 129 -12.26 8.89 11.21
CA VAL A 129 -12.05 9.82 10.10
C VAL A 129 -13.39 10.44 9.76
N MET A 130 -13.67 11.60 10.34
CA MET A 130 -14.96 12.25 10.11
C MET A 130 -14.98 13.78 10.14
N LEU A 131 -13.79 14.40 10.15
CA LEU A 131 -13.68 15.86 10.19
C LEU A 131 -14.83 16.56 9.49
N LEU A 138 -15.41 13.76 5.99
CA LEU A 138 -16.67 13.97 6.72
C LEU A 138 -17.69 12.90 6.36
N LEU A 139 -18.67 12.70 7.24
CA LEU A 139 -19.71 11.71 7.01
C LEU A 139 -21.09 12.30 7.22
N SER A 140 -22.03 11.88 6.39
CA SER A 140 -23.41 12.37 6.49
C SER A 140 -24.01 11.90 7.81
N PRO A 141 -25.04 12.60 8.29
CA PRO A 141 -25.70 12.21 9.55
C PRO A 141 -26.18 10.76 9.47
N SER A 142 -26.50 10.33 8.25
CA SER A 142 -26.97 8.98 8.01
C SER A 142 -25.82 7.98 8.20
N ALA A 143 -24.65 8.31 7.67
CA ALA A 143 -23.48 7.45 7.79
C ALA A 143 -23.06 7.33 9.25
N ILE A 144 -23.00 8.46 9.95
CA ILE A 144 -22.61 8.47 11.36
C ILE A 144 -23.61 7.64 12.16
N GLU A 145 -24.89 7.80 11.84
CA GLU A 145 -25.96 7.08 12.50
C GLU A 145 -25.74 5.57 12.34
N THR A 146 -25.41 5.17 11.12
CA THR A 146 -25.18 3.75 10.81
C THR A 146 -23.94 3.25 11.53
N LEU A 147 -22.94 4.12 11.65
CA LEU A 147 -21.71 3.76 12.31
C LEU A 147 -21.94 3.43 13.78
N ARG A 148 -22.62 4.32 14.50
CA ARG A 148 -22.85 4.07 15.92
C ARG A 148 -23.73 2.85 16.17
N VAL A 149 -24.69 2.59 15.28
CA VAL A 149 -25.60 1.46 15.46
C VAL A 149 -25.08 0.12 14.94
N ARG A 150 -24.50 0.12 13.75
CA ARG A 150 -24.01 -1.12 13.15
C ARG A 150 -22.54 -1.45 13.37
N LEU A 151 -21.67 -0.45 13.39
CA LEU A 151 -20.24 -0.70 13.54
C LEU A 151 -19.70 -0.72 14.97
N LEU A 152 -20.02 0.31 15.75
CA LEU A 152 -19.53 0.39 17.13
C LEU A 152 -19.59 -0.91 17.95
N PRO A 153 -20.69 -1.66 17.86
CA PRO A 153 -20.77 -2.92 18.63
C PRO A 153 -19.76 -3.97 18.18
N GLN A 154 -18.98 -3.64 17.16
CA GLN A 154 -18.00 -4.57 16.63
C GLN A 154 -16.55 -4.16 16.85
N VAL A 155 -16.32 -2.95 17.33
CA VAL A 155 -14.95 -2.49 17.51
C VAL A 155 -14.36 -2.78 18.87
N SER A 156 -13.11 -3.22 18.88
CA SER A 156 -12.40 -3.51 20.11
C SER A 156 -11.89 -2.19 20.71
N LEU A 157 -11.41 -1.31 19.85
CA LEU A 157 -10.90 -0.02 20.30
C LEU A 157 -11.18 1.09 19.30
N ILE A 158 -11.76 2.18 19.80
CA ILE A 158 -12.03 3.33 18.96
C ILE A 158 -11.05 4.41 19.41
N THR A 159 -10.56 5.22 18.48
CA THR A 159 -9.56 6.24 18.81
C THR A 159 -9.90 7.66 18.35
N PRO A 160 -10.96 8.27 18.89
CA PRO A 160 -11.33 9.62 18.50
C PRO A 160 -10.69 10.72 19.35
N ASN A 161 -10.68 11.94 18.82
CA ASN A 161 -10.18 13.08 19.57
C ASN A 161 -11.46 13.70 20.15
N LEU A 162 -11.35 14.82 20.84
CA LEU A 162 -12.55 15.43 21.44
C LEU A 162 -13.66 15.77 20.45
N PRO A 163 -13.35 16.49 19.36
CA PRO A 163 -14.36 16.86 18.36
C PRO A 163 -15.09 15.65 17.77
N GLU A 164 -14.34 14.59 17.50
CA GLU A 164 -14.91 13.37 16.93
C GLU A 164 -15.80 12.63 17.92
N ALA A 165 -15.37 12.57 19.18
CA ALA A 165 -16.14 11.89 20.20
C ALA A 165 -17.51 12.55 20.35
N ALA A 166 -17.52 13.88 20.45
CA ALA A 166 -18.78 14.61 20.58
C ALA A 166 -19.68 14.31 19.39
N ALA A 167 -19.10 14.30 18.19
CA ALA A 167 -19.87 14.04 16.98
C ALA A 167 -20.47 12.63 17.00
N LEU A 168 -19.71 11.65 17.47
CA LEU A 168 -20.19 10.28 17.54
C LEU A 168 -21.32 10.15 18.56
N LEU A 169 -21.26 10.97 19.60
CA LEU A 169 -22.26 10.93 20.66
C LEU A 169 -23.35 11.99 20.43
N ASP A 170 -23.18 12.81 19.40
CA ASP A 170 -24.13 13.87 19.12
C ASP A 170 -24.26 14.69 20.40
N ALA A 171 -23.12 15.04 20.97
CA ALA A 171 -23.08 15.81 22.22
C ALA A 171 -22.17 17.01 22.09
N PRO A 172 -22.24 17.95 23.05
CA PRO A 172 -21.39 19.13 23.01
C PRO A 172 -19.93 18.77 23.23
N HIS A 173 -19.02 19.56 22.67
CA HIS A 173 -17.60 19.34 22.83
C HIS A 173 -17.28 19.36 24.32
N ALA A 174 -16.59 18.33 24.80
CA ALA A 174 -16.25 18.23 26.23
C ALA A 174 -15.50 19.46 26.72
N ARG A 175 -16.07 20.13 27.72
CA ARG A 175 -15.46 21.33 28.30
C ARG A 175 -14.41 21.00 29.37
N THR A 176 -14.71 20.00 30.19
CA THR A 176 -13.79 19.61 31.27
C THR A 176 -13.39 18.14 31.24
N GLU A 177 -12.52 17.76 32.17
CA GLU A 177 -12.05 16.39 32.26
C GLU A 177 -13.21 15.43 32.57
N GLN A 178 -14.10 15.84 33.46
CA GLN A 178 -15.24 15.02 33.83
C GLN A 178 -16.13 14.71 32.64
N GLU A 179 -16.44 15.74 31.86
CA GLU A 179 -17.28 15.55 30.68
C GLU A 179 -16.57 14.62 29.70
N MET A 180 -15.26 14.78 29.59
CA MET A 180 -14.45 13.95 28.71
C MET A 180 -14.50 12.49 29.16
N LEU A 181 -14.39 12.27 30.47
CA LEU A 181 -14.44 10.92 31.02
C LEU A 181 -15.83 10.31 30.79
N ALA A 182 -16.86 11.15 30.91
CA ALA A 182 -18.23 10.70 30.72
C ALA A 182 -18.44 10.21 29.29
N GLN A 183 -17.88 10.94 28.33
CA GLN A 183 -18.00 10.56 26.93
C GLN A 183 -17.28 9.24 26.64
N GLY A 184 -16.11 9.07 27.24
CA GLY A 184 -15.36 7.84 27.04
C GLY A 184 -16.20 6.67 27.52
N ARG A 185 -16.79 6.81 28.70
CA ARG A 185 -17.63 5.75 29.26
C ARG A 185 -18.90 5.53 28.44
N ALA A 186 -19.43 6.62 27.88
CA ALA A 186 -20.63 6.52 27.04
C ALA A 186 -20.34 5.67 25.81
N LEU A 187 -19.18 5.88 25.19
CA LEU A 187 -18.79 5.13 24.01
C LEU A 187 -18.60 3.64 24.30
N LEU A 188 -18.19 3.31 25.52
CA LEU A 188 -18.05 1.90 25.90
C LEU A 188 -19.44 1.30 25.93
N ALA A 189 -20.36 1.97 26.62
CA ALA A 189 -21.74 1.48 26.71
C ALA A 189 -22.32 1.23 25.32
N MET A 190 -21.85 2.00 24.34
CA MET A 190 -22.34 1.85 22.98
C MET A 190 -21.86 0.59 22.28
N GLY A 191 -20.98 -0.16 22.93
CA GLY A 191 -20.51 -1.40 22.33
C GLY A 191 -19.00 -1.54 22.20
N CYS A 192 -18.28 -0.43 22.20
CA CYS A 192 -16.84 -0.45 22.08
C CYS A 192 -16.23 -1.15 23.28
N GLU A 193 -15.30 -2.07 23.03
CA GLU A 193 -14.64 -2.80 24.08
C GLU A 193 -13.71 -1.86 24.85
N ALA A 194 -13.16 -0.88 24.15
CA ALA A 194 -12.24 0.06 24.77
C ALA A 194 -12.24 1.37 23.97
N VAL A 195 -11.86 2.45 24.63
CA VAL A 195 -11.82 3.75 23.98
C VAL A 195 -10.53 4.49 24.33
N LEU A 196 -9.90 5.09 23.32
CA LEU A 196 -8.70 5.88 23.54
C LEU A 196 -9.00 7.32 23.14
N MET A 197 -9.45 8.10 24.11
CA MET A 197 -9.77 9.51 23.88
C MET A 197 -8.48 10.31 23.73
N LYS A 198 -8.29 10.89 22.55
CA LYS A 198 -7.10 11.67 22.29
C LYS A 198 -7.32 13.14 22.65
N GLY A 199 -6.54 13.63 23.61
CA GLY A 199 -6.67 15.01 24.05
C GLY A 199 -6.05 16.02 23.09
N ASP A 209 -3.88 11.75 26.63
CA ASP A 209 -4.73 10.64 26.20
C ASP A 209 -5.22 9.77 27.34
N TRP A 210 -6.48 9.35 27.26
CA TRP A 210 -7.08 8.50 28.28
C TRP A 210 -7.63 7.23 27.65
N LEU A 211 -7.27 6.09 28.23
CA LEU A 211 -7.73 4.79 27.77
C LEU A 211 -8.87 4.31 28.67
N PHE A 212 -9.99 3.95 28.05
CA PHE A 212 -11.16 3.47 28.78
C PHE A 212 -11.40 1.99 28.56
N THR A 213 -11.69 1.29 29.65
CA THR A 213 -11.98 -0.13 29.62
C THR A 213 -13.02 -0.38 30.71
N ARG A 214 -13.62 -1.57 30.72
CA ARG A 214 -14.61 -1.87 31.76
C ARG A 214 -13.95 -1.72 33.12
N GLU A 215 -12.66 -2.03 33.18
CA GLU A 215 -11.88 -1.95 34.42
C GLU A 215 -11.82 -0.53 34.97
N GLY A 216 -11.44 0.41 34.11
CA GLY A 216 -11.36 1.80 34.53
C GLY A 216 -10.67 2.67 33.51
N GLU A 217 -10.01 3.73 33.96
CA GLU A 217 -9.32 4.63 33.05
C GLU A 217 -7.82 4.61 33.27
N GLN A 218 -7.06 5.05 32.27
CA GLN A 218 -5.61 5.10 32.34
C GLN A 218 -5.12 6.29 31.52
N ARG A 219 -4.29 7.12 32.13
CA ARG A 219 -3.75 8.30 31.47
C ARG A 219 -2.43 8.04 30.75
N PHE A 220 -2.23 8.74 29.65
CA PHE A 220 -1.02 8.62 28.84
C PHE A 220 -0.54 10.01 28.42
N ARG A 224 7.39 15.19 23.78
CA ARG A 224 6.20 15.53 23.03
C ARG A 224 6.54 15.87 21.58
N VAL A 225 5.53 16.23 20.79
CA VAL A 225 5.72 16.55 19.38
C VAL A 225 6.59 17.79 19.15
N ASN A 226 7.74 17.59 18.51
CA ASN A 226 8.67 18.67 18.22
C ASN A 226 9.03 18.73 16.74
N THR A 227 8.03 18.45 15.90
CA THR A 227 8.20 18.47 14.45
C THR A 227 6.90 18.97 13.83
N LYS A 228 7.00 19.53 12.63
CA LYS A 228 5.83 20.04 11.94
C LYS A 228 5.30 18.99 10.96
N ASN A 229 6.15 18.01 10.66
CA ASN A 229 5.78 16.95 9.72
C ASN A 229 4.99 15.87 10.43
N THR A 230 3.70 16.14 10.64
CA THR A 230 2.83 15.21 11.34
C THR A 230 1.75 14.59 10.45
N HIS A 231 1.90 14.73 9.13
CA HIS A 231 0.92 14.18 8.20
C HIS A 231 0.78 12.66 8.39
N GLY A 232 -0.46 12.21 8.58
CA GLY A 232 -0.72 10.79 8.76
C GLY A 232 -0.52 10.24 10.15
N THR A 233 -0.34 11.10 11.15
CA THR A 233 -0.13 10.64 12.51
C THR A 233 -1.31 9.79 13.00
N GLY A 234 -2.53 10.30 12.80
CA GLY A 234 -3.72 9.57 13.20
C GLY A 234 -3.84 8.20 12.59
N CYS A 235 -3.62 8.10 11.28
CA CYS A 235 -3.68 6.82 10.59
C CYS A 235 -2.63 5.87 11.15
N THR A 236 -1.44 6.41 11.35
CA THR A 236 -0.31 5.61 11.83
C THR A 236 -0.53 5.06 13.23
N LEU A 237 -1.00 5.90 14.14
CA LEU A 237 -1.24 5.45 15.52
C LEU A 237 -2.25 4.33 15.56
N SER A 238 -3.37 4.48 14.84
CA SER A 238 -4.39 3.44 14.85
C SER A 238 -3.88 2.17 14.18
N ALA A 239 -3.05 2.31 13.16
CA ALA A 239 -2.49 1.13 12.49
C ALA A 239 -1.54 0.41 13.45
N ALA A 240 -0.75 1.19 14.18
CA ALA A 240 0.21 0.67 15.15
C ALA A 240 -0.50 -0.07 16.27
N LEU A 241 -1.59 0.51 16.77
CA LEU A 241 -2.37 -0.13 17.85
C LEU A 241 -2.91 -1.47 17.35
N ALA A 242 -3.34 -1.52 16.10
CA ALA A 242 -3.87 -2.75 15.53
C ALA A 242 -2.80 -3.82 15.39
N ALA A 243 -1.65 -3.44 14.82
CA ALA A 243 -0.55 -4.37 14.60
C ALA A 243 0.06 -4.93 15.90
N LEU A 244 0.12 -4.09 16.92
CA LEU A 244 0.70 -4.48 18.21
C LEU A 244 -0.23 -5.19 19.19
N ARG A 245 -1.54 -4.97 19.06
CA ARG A 245 -2.48 -5.59 19.98
C ARG A 245 -2.26 -7.09 20.24
N PRO A 246 -2.09 -7.89 19.19
CA PRO A 246 -1.88 -9.35 19.37
C PRO A 246 -0.61 -9.72 20.11
N ARG A 247 0.33 -8.79 20.21
CA ARG A 247 1.61 -9.08 20.88
C ARG A 247 1.59 -8.66 22.34
N HIS A 248 0.45 -8.17 22.82
CA HIS A 248 0.36 -7.74 24.21
C HIS A 248 -0.75 -8.37 25.01
N ARG A 249 -0.68 -8.18 26.32
CA ARG A 249 -1.65 -8.74 27.26
C ARG A 249 -2.92 -7.91 27.33
N SER A 250 -2.78 -6.59 27.27
CA SER A 250 -3.93 -5.70 27.38
C SER A 250 -3.77 -4.50 26.47
N TRP A 251 -4.82 -3.66 26.40
CA TRP A 251 -4.75 -2.45 25.58
C TRP A 251 -3.80 -1.45 26.19
N GLY A 252 -3.71 -1.45 27.52
CA GLY A 252 -2.81 -0.53 28.19
C GLY A 252 -1.37 -0.72 27.72
N GLU A 253 -0.93 -1.97 27.67
CA GLU A 253 0.43 -2.26 27.24
C GLU A 253 0.61 -1.92 25.76
N THR A 254 -0.32 -2.35 24.91
CA THR A 254 -0.19 -2.05 23.49
C THR A 254 -0.27 -0.55 23.23
N VAL A 255 -1.09 0.17 24.00
CA VAL A 255 -1.18 1.62 23.80
C VAL A 255 0.15 2.25 24.18
N ASN A 256 0.79 1.70 25.20
CA ASN A 256 2.07 2.21 25.65
C ASN A 256 3.18 1.98 24.63
N GLU A 257 3.25 0.78 24.06
CA GLU A 257 4.28 0.51 23.07
C GLU A 257 4.00 1.29 21.78
N ALA A 258 2.73 1.36 21.39
CA ALA A 258 2.34 2.06 20.16
C ALA A 258 2.76 3.53 20.20
N LYS A 259 2.52 4.20 21.32
CA LYS A 259 2.89 5.60 21.44
C LYS A 259 4.40 5.80 21.42
N ALA A 260 5.12 4.91 22.09
CA ALA A 260 6.58 5.00 22.13
C ALA A 260 7.12 4.93 20.70
N TRP A 261 6.62 3.95 19.96
CA TRP A 261 7.03 3.76 18.57
C TRP A 261 6.69 4.99 17.71
N LEU A 262 5.47 5.51 17.87
CA LEU A 262 5.05 6.68 17.10
C LEU A 262 5.94 7.89 17.38
N SER A 263 6.25 8.14 18.66
CA SER A 263 7.11 9.27 18.99
C SER A 263 8.44 9.15 18.26
N ALA A 264 8.96 7.93 18.18
CA ALA A 264 10.22 7.67 17.48
C ALA A 264 10.08 7.96 15.99
N ALA A 265 8.90 7.65 15.43
CA ALA A 265 8.66 7.89 14.01
C ALA A 265 8.59 9.39 13.75
N LEU A 266 7.97 10.12 14.67
CA LEU A 266 7.87 11.57 14.52
C LEU A 266 9.23 12.22 14.71
N ALA A 267 10.03 11.66 15.60
CA ALA A 267 11.35 12.22 15.89
C ALA A 267 12.30 12.07 14.71
N GLN A 268 11.90 11.32 13.69
CA GLN A 268 12.74 11.13 12.52
C GLN A 268 12.08 11.70 11.27
N ALA A 269 10.87 12.23 11.44
CA ALA A 269 10.12 12.81 10.33
C ALA A 269 10.91 13.81 9.50
N ASP A 270 11.72 14.62 10.16
CA ASP A 270 12.49 15.63 9.44
C ASP A 270 13.63 15.10 8.56
N THR A 271 14.06 13.87 8.81
CA THR A 271 15.14 13.29 8.00
C THR A 271 14.64 12.81 6.63
N LEU A 272 13.33 12.86 6.41
CA LEU A 272 12.78 12.43 5.13
C LEU A 272 12.74 13.61 4.18
N GLU A 273 12.66 13.32 2.89
CA GLU A 273 12.62 14.36 1.87
C GLU A 273 11.37 14.25 0.99
N VAL A 274 10.20 14.31 1.59
CA VAL A 274 8.99 14.21 0.79
C VAL A 274 8.00 15.35 0.97
N GLY A 275 7.60 15.94 -0.15
CA GLY A 275 6.63 17.02 -0.13
C GLY A 275 7.16 18.43 0.15
N LYS A 276 6.30 19.40 -0.14
CA LYS A 276 6.61 20.82 0.06
C LYS A 276 5.70 21.35 1.17
N GLY A 277 4.78 20.52 1.61
CA GLY A 277 3.85 20.90 2.65
C GLY A 277 4.20 20.27 3.99
N ILE A 278 3.24 19.58 4.58
CA ILE A 278 3.44 18.92 5.86
C ILE A 278 3.83 17.46 5.61
N GLY A 279 5.09 17.14 5.90
CA GLY A 279 5.59 15.79 5.68
C GLY A 279 5.01 14.70 6.58
N PRO A 280 5.27 13.44 6.24
CA PRO A 280 4.77 12.30 7.03
C PRO A 280 5.80 11.88 8.07
N VAL A 281 5.40 11.05 9.00
CA VAL A 281 6.35 10.58 10.00
C VAL A 281 7.22 9.56 9.26
N HIS A 282 8.27 9.07 9.91
CA HIS A 282 9.13 8.08 9.28
C HIS A 282 8.83 6.69 9.87
N HIS A 283 7.95 5.95 9.19
CA HIS A 283 7.52 4.62 9.61
C HIS A 283 8.64 3.62 9.81
N PHE A 284 9.72 3.77 9.04
CA PHE A 284 10.83 2.83 9.13
C PHE A 284 12.09 3.36 9.83
N HIS A 285 11.87 4.29 10.76
CA HIS A 285 12.93 4.90 11.55
C HIS A 285 13.83 3.85 12.21
N ALA A 286 13.25 2.69 12.52
CA ALA A 286 14.00 1.63 13.17
C ALA A 286 14.81 0.78 12.21
N TRP A 287 14.58 0.95 10.90
CA TRP A 287 15.29 0.13 9.93
C TRP A 287 16.26 0.85 9.01
N TRP A 288 15.95 2.08 8.64
CA TRP A 288 16.84 2.84 7.76
C TRP A 288 16.54 4.33 7.81
N MET B 23 22.68 6.45 4.40
CA MET B 23 22.30 6.41 2.97
C MET B 23 21.40 7.58 2.59
N GLN B 24 21.60 8.12 1.39
CA GLN B 24 20.79 9.24 0.92
C GLN B 24 19.33 8.82 0.84
N ARG B 25 18.43 9.77 1.03
CA ARG B 25 17.01 9.48 0.96
C ARG B 25 16.53 9.31 -0.47
N ILE B 26 15.85 8.21 -0.73
CA ILE B 26 15.31 7.95 -2.06
C ILE B 26 13.81 7.71 -1.96
N ASN B 27 13.06 8.38 -2.85
CA ASN B 27 11.62 8.24 -2.91
C ASN B 27 11.33 7.41 -4.15
N ALA B 28 10.54 6.36 -3.96
CA ALA B 28 10.19 5.46 -5.06
C ALA B 28 8.71 5.49 -5.28
N LEU B 29 8.31 5.46 -6.55
CA LEU B 29 6.90 5.49 -6.90
C LEU B 29 6.48 4.24 -7.67
N THR B 30 5.30 3.74 -7.36
CA THR B 30 4.78 2.62 -8.11
C THR B 30 3.47 3.09 -8.73
N ILE B 31 3.28 2.74 -10.01
CA ILE B 31 2.08 3.08 -10.76
C ILE B 31 1.58 1.70 -11.16
N ALA B 32 0.54 1.23 -10.46
CA ALA B 32 0.06 -0.12 -10.73
C ALA B 32 -1.32 -0.42 -10.15
N GLY B 33 -1.72 -1.69 -10.27
CA GLY B 33 -3.00 -2.16 -9.78
C GLY B 33 -2.86 -2.65 -8.34
N THR B 34 -3.99 -3.03 -7.73
CA THR B 34 -3.96 -3.49 -6.35
C THR B 34 -4.23 -4.97 -6.14
N ASP B 35 -3.84 -5.44 -4.96
CA ASP B 35 -4.05 -6.81 -4.52
C ASP B 35 -4.40 -6.70 -3.05
N PRO B 36 -5.69 -6.84 -2.71
CA PRO B 36 -6.15 -6.75 -1.32
C PRO B 36 -5.45 -7.73 -0.40
N SER B 37 -5.14 -8.91 -0.92
CA SER B 37 -4.47 -9.94 -0.13
C SER B 37 -3.02 -9.58 0.17
N GLY B 38 -2.60 -8.42 -0.32
CA GLY B 38 -1.26 -7.91 -0.05
C GLY B 38 -0.01 -8.58 -0.60
N GLY B 39 -0.16 -9.48 -1.56
CA GLY B 39 1.01 -10.15 -2.10
C GLY B 39 1.55 -9.61 -3.42
N ALA B 40 0.70 -8.95 -4.19
CA ALA B 40 1.10 -8.39 -5.48
C ALA B 40 0.66 -6.93 -5.57
N GLY B 41 0.65 -6.38 -6.79
CA GLY B 41 0.23 -5.00 -6.98
C GLY B 41 1.04 -3.96 -6.22
N ILE B 42 0.46 -2.78 -6.02
CA ILE B 42 1.14 -1.73 -5.28
C ILE B 42 1.43 -2.19 -3.85
N GLN B 43 0.67 -3.18 -3.36
CA GLN B 43 0.91 -3.67 -2.00
C GLN B 43 2.29 -4.31 -1.98
N ALA B 44 2.58 -5.13 -2.98
CA ALA B 44 3.88 -5.77 -3.05
C ALA B 44 4.97 -4.73 -3.34
N ASP B 45 4.69 -3.81 -4.28
CA ASP B 45 5.66 -2.78 -4.65
C ASP B 45 6.07 -1.97 -3.44
N LEU B 46 5.08 -1.49 -2.70
CA LEU B 46 5.29 -0.69 -1.50
C LEU B 46 6.06 -1.48 -0.41
N LYS B 47 5.74 -2.76 -0.22
CA LYS B 47 6.47 -3.53 0.78
C LYS B 47 7.93 -3.66 0.36
N THR B 48 8.15 -3.95 -0.92
CA THR B 48 9.49 -4.08 -1.46
C THR B 48 10.27 -2.78 -1.30
N PHE B 49 9.65 -1.66 -1.66
CA PHE B 49 10.33 -0.37 -1.51
C PHE B 49 10.76 -0.27 -0.04
N SER B 50 9.80 -0.42 0.86
CA SER B 50 10.03 -0.34 2.31
C SER B 50 11.16 -1.23 2.79
N ALA B 51 11.14 -2.50 2.37
CA ALA B 51 12.16 -3.45 2.77
C ALA B 51 13.55 -3.14 2.24
N LEU B 52 13.62 -2.32 1.19
CA LEU B 52 14.89 -1.99 0.58
C LEU B 52 15.37 -0.55 0.81
N GLY B 53 14.83 0.07 1.85
CA GLY B 53 15.24 1.43 2.20
C GLY B 53 14.78 2.61 1.35
N ALA B 54 13.56 2.56 0.83
CA ALA B 54 13.06 3.66 0.01
C ALA B 54 11.67 4.08 0.47
N TYR B 55 11.43 5.40 0.50
CA TYR B 55 10.12 5.91 0.90
C TYR B 55 9.21 5.63 -0.29
N GLY B 56 8.06 5.00 -0.04
CA GLY B 56 7.16 4.66 -1.13
C GLY B 56 5.93 5.50 -1.38
N CYS B 57 5.68 5.77 -2.66
CA CYS B 57 4.52 6.52 -3.13
C CYS B 57 3.80 5.56 -4.09
N SER B 58 2.52 5.78 -4.34
CA SER B 58 1.80 4.88 -5.23
C SER B 58 0.58 5.48 -5.92
N VAL B 59 0.54 5.35 -7.25
CA VAL B 59 -0.59 5.82 -8.02
C VAL B 59 -1.32 4.55 -8.45
N ILE B 60 -2.61 4.48 -8.16
CA ILE B 60 -3.40 3.32 -8.50
C ILE B 60 -4.06 3.45 -9.89
N THR B 61 -3.80 2.47 -10.75
CA THR B 61 -4.33 2.48 -12.11
C THR B 61 -5.60 1.66 -12.25
N ALA B 62 -5.80 0.72 -11.34
CA ALA B 62 -6.99 -0.12 -11.38
C ALA B 62 -7.11 -0.86 -10.07
N LEU B 63 -8.34 -1.12 -9.65
CA LEU B 63 -8.57 -1.85 -8.42
C LEU B 63 -8.99 -3.25 -8.80
N VAL B 64 -8.61 -4.22 -7.97
CA VAL B 64 -9.01 -5.59 -8.26
C VAL B 64 -9.26 -6.37 -6.98
N ALA B 65 -10.36 -7.12 -6.97
CA ALA B 65 -10.68 -7.97 -5.84
C ALA B 65 -9.85 -9.17 -6.19
N GLU B 66 -8.68 -9.25 -5.57
CA GLU B 66 -7.74 -10.32 -5.87
C GLU B 66 -7.55 -11.23 -4.68
N ASN B 67 -7.02 -12.41 -4.97
CA ASN B 67 -6.88 -13.41 -3.94
C ASN B 67 -5.67 -14.31 -4.15
N THR B 68 -5.33 -15.09 -3.13
CA THR B 68 -4.21 -16.02 -3.22
C THR B 68 -4.67 -17.21 -4.09
N CYS B 69 -5.97 -17.24 -4.39
CA CYS B 69 -6.56 -18.28 -5.22
C CYS B 69 -6.92 -17.74 -6.60
N GLY B 70 -6.60 -16.48 -6.86
CA GLY B 70 -6.90 -15.89 -8.16
C GLY B 70 -7.67 -14.60 -8.11
N VAL B 71 -8.02 -14.09 -9.30
CA VAL B 71 -8.75 -12.84 -9.44
C VAL B 71 -10.26 -13.04 -9.43
N GLN B 72 -10.96 -12.34 -8.53
CA GLN B 72 -12.40 -12.46 -8.48
C GLN B 72 -13.06 -11.45 -9.42
N SER B 73 -12.55 -10.23 -9.44
CA SER B 73 -13.11 -9.20 -10.32
C SER B 73 -12.21 -7.96 -10.39
N VAL B 74 -12.35 -7.22 -11.47
CA VAL B 74 -11.57 -6.02 -11.69
C VAL B 74 -12.50 -4.81 -11.74
N TYR B 75 -12.07 -3.73 -11.10
CA TYR B 75 -12.84 -2.49 -11.05
C TYR B 75 -11.97 -1.43 -11.72
N ARG B 76 -12.44 -0.87 -12.83
CA ARG B 76 -11.64 0.12 -13.51
C ARG B 76 -11.79 1.54 -12.97
N ILE B 77 -10.71 2.30 -13.11
CA ILE B 77 -10.63 3.67 -12.65
C ILE B 77 -10.55 4.57 -13.88
N GLU B 78 -11.19 5.74 -13.82
CA GLU B 78 -11.16 6.68 -14.94
C GLU B 78 -9.75 7.18 -15.17
N PRO B 79 -9.27 7.08 -16.42
CA PRO B 79 -7.91 7.54 -16.74
C PRO B 79 -7.64 8.93 -16.19
N ASP B 80 -8.67 9.76 -16.13
CA ASP B 80 -8.54 11.12 -15.63
C ASP B 80 -8.13 11.15 -14.16
N PHE B 81 -8.63 10.21 -13.36
CA PHE B 81 -8.26 10.18 -11.95
C PHE B 81 -6.84 9.64 -11.79
N VAL B 82 -6.41 8.79 -12.72
CA VAL B 82 -5.06 8.25 -12.66
C VAL B 82 -4.15 9.45 -12.89
N ALA B 83 -4.51 10.29 -13.87
CA ALA B 83 -3.74 11.49 -14.17
C ALA B 83 -3.75 12.41 -12.96
N ALA B 84 -4.90 12.54 -12.32
CA ALA B 84 -5.01 13.39 -11.14
C ALA B 84 -4.07 12.85 -10.05
N GLN B 85 -4.03 11.53 -9.89
CA GLN B 85 -3.14 10.91 -8.90
C GLN B 85 -1.69 11.22 -9.28
N LEU B 86 -1.36 11.06 -10.55
CA LEU B 86 0.01 11.34 -11.01
C LEU B 86 0.38 12.78 -10.67
N ASP B 87 -0.55 13.71 -10.89
CA ASP B 87 -0.27 15.11 -10.60
C ASP B 87 -0.08 15.38 -9.12
N SER B 88 -0.91 14.78 -8.27
CA SER B 88 -0.77 14.99 -6.84
C SER B 88 0.63 14.58 -6.37
N VAL B 89 1.18 13.55 -6.98
CA VAL B 89 2.51 13.10 -6.60
C VAL B 89 3.64 13.93 -7.19
N PHE B 90 3.68 14.04 -8.52
CA PHE B 90 4.76 14.78 -9.18
C PHE B 90 4.83 16.28 -8.91
N SER B 91 3.71 16.87 -8.50
CA SER B 91 3.67 18.30 -8.21
C SER B 91 4.10 18.56 -6.78
N ASP B 92 4.41 17.50 -6.03
CA ASP B 92 4.78 17.69 -4.63
C ASP B 92 5.94 16.87 -4.10
N VAL B 93 6.07 15.64 -4.59
CA VAL B 93 7.14 14.77 -4.13
C VAL B 93 8.18 14.49 -5.19
N ARG B 94 9.45 14.65 -4.83
CA ARG B 94 10.55 14.38 -5.75
C ARG B 94 10.63 12.85 -5.88
N ILE B 95 10.46 12.33 -7.09
CA ILE B 95 10.52 10.89 -7.33
C ILE B 95 11.88 10.50 -7.93
N ASP B 96 12.63 9.63 -7.23
CA ASP B 96 13.94 9.21 -7.71
C ASP B 96 13.93 7.94 -8.57
N THR B 97 12.97 7.06 -8.34
CA THR B 97 12.81 5.83 -9.12
C THR B 97 11.34 5.50 -9.26
N THR B 98 10.98 4.82 -10.33
CA THR B 98 9.59 4.49 -10.59
C THR B 98 9.45 3.08 -11.16
N LYS B 99 8.42 2.38 -10.70
CA LYS B 99 8.11 1.05 -11.16
C LYS B 99 6.69 1.12 -11.71
N ILE B 100 6.49 0.50 -12.87
CA ILE B 100 5.18 0.52 -13.50
C ILE B 100 4.65 -0.90 -13.66
N GLY B 101 3.42 -1.12 -13.23
CA GLY B 101 2.82 -2.45 -13.36
C GLY B 101 1.60 -2.36 -14.27
N MET B 102 0.48 -2.88 -13.79
CA MET B 102 -0.77 -2.88 -14.54
C MET B 102 -1.13 -1.48 -15.07
N LEU B 103 -1.35 -1.40 -16.38
CA LEU B 103 -1.72 -0.14 -17.02
C LEU B 103 -3.18 -0.21 -17.49
N ALA B 104 -3.65 -1.42 -17.75
CA ALA B 104 -5.04 -1.68 -18.15
C ALA B 104 -5.55 -1.21 -19.52
N GLU B 105 -5.50 0.08 -19.79
CA GLU B 105 -6.00 0.56 -21.08
C GLU B 105 -5.21 1.70 -21.71
N THR B 106 -5.52 1.98 -22.97
CA THR B 106 -4.86 3.01 -23.75
C THR B 106 -4.78 4.37 -23.09
N ASP B 107 -5.89 4.86 -22.57
CA ASP B 107 -5.89 6.18 -21.94
C ASP B 107 -4.99 6.25 -20.70
N ILE B 108 -4.83 5.13 -19.99
CA ILE B 108 -3.97 5.09 -18.82
C ILE B 108 -2.53 5.16 -19.30
N VAL B 109 -2.18 4.33 -20.29
CA VAL B 109 -0.84 4.31 -20.85
C VAL B 109 -0.44 5.71 -21.30
N GLU B 110 -1.34 6.36 -22.04
CA GLU B 110 -1.09 7.71 -22.54
C GLU B 110 -0.88 8.69 -21.39
N ALA B 111 -1.77 8.64 -20.40
CA ALA B 111 -1.68 9.54 -19.25
C ALA B 111 -0.35 9.37 -18.53
N VAL B 112 0.08 8.12 -18.34
CA VAL B 112 1.34 7.85 -17.67
C VAL B 112 2.54 8.35 -18.49
N ALA B 113 2.56 7.98 -19.77
CA ALA B 113 3.65 8.40 -20.66
C ALA B 113 3.78 9.91 -20.65
N GLU B 114 2.65 10.60 -20.74
CA GLU B 114 2.62 12.05 -20.77
C GLU B 114 3.21 12.68 -19.51
N ARG B 115 2.86 12.15 -18.34
CA ARG B 115 3.39 12.71 -17.09
C ARG B 115 4.88 12.35 -16.95
N LEU B 116 5.25 11.16 -17.39
CA LEU B 116 6.65 10.73 -17.32
C LEU B 116 7.51 11.71 -18.12
N GLN B 117 7.02 12.07 -19.30
CA GLN B 117 7.75 12.98 -20.19
C GLN B 117 7.79 14.39 -19.61
N ARG B 118 6.65 14.88 -19.16
CA ARG B 118 6.57 16.22 -18.58
C ARG B 118 7.53 16.44 -17.41
N HIS B 119 7.61 15.47 -16.50
CA HIS B 119 8.45 15.59 -15.32
C HIS B 119 9.85 14.97 -15.47
N HIS B 120 10.22 14.61 -16.69
CA HIS B 120 11.53 14.02 -16.94
C HIS B 120 11.86 12.93 -15.94
N VAL B 121 10.94 12.00 -15.76
CA VAL B 121 11.15 10.93 -14.80
C VAL B 121 12.23 9.95 -15.23
N ARG B 122 13.19 9.71 -14.35
CA ARG B 122 14.28 8.79 -14.65
C ARG B 122 14.13 7.49 -13.89
N ASN B 123 15.02 6.54 -14.19
CA ASN B 123 15.00 5.24 -13.55
C ASN B 123 13.63 4.59 -13.59
N VAL B 124 13.02 4.56 -14.77
CA VAL B 124 11.71 3.96 -14.91
C VAL B 124 11.81 2.47 -15.25
N VAL B 125 11.31 1.63 -14.34
CA VAL B 125 11.33 0.19 -14.53
C VAL B 125 9.91 -0.18 -14.94
N LEU B 126 9.77 -0.74 -16.13
CA LEU B 126 8.47 -1.15 -16.62
C LEU B 126 8.29 -2.66 -16.61
N ASP B 127 7.42 -3.16 -15.74
CA ASP B 127 7.15 -4.58 -15.71
C ASP B 127 6.13 -4.74 -16.83
N THR B 128 6.02 -5.93 -17.39
CA THR B 128 5.10 -6.17 -18.49
C THR B 128 3.88 -6.99 -18.09
N VAL B 129 2.88 -6.32 -17.51
CA VAL B 129 1.65 -6.98 -17.09
C VAL B 129 0.70 -6.98 -18.29
N MET B 130 0.70 -8.06 -19.05
CA MET B 130 -0.13 -8.13 -20.24
C MET B 130 -0.64 -9.52 -20.64
N LEU B 131 -0.50 -10.50 -19.75
CA LEU B 131 -0.94 -11.88 -20.02
C LEU B 131 -2.16 -11.92 -20.92
N LEU B 138 -4.43 -8.36 -19.33
CA LEU B 138 -4.25 -8.28 -20.78
C LEU B 138 -4.50 -6.86 -21.28
N LEU B 139 -3.97 -6.55 -22.45
CA LEU B 139 -4.15 -5.22 -23.02
C LEU B 139 -4.61 -5.31 -24.47
N SER B 140 -5.48 -4.39 -24.87
CA SER B 140 -5.99 -4.37 -26.24
C SER B 140 -4.84 -4.04 -27.19
N PRO B 141 -5.00 -4.41 -28.46
CA PRO B 141 -3.95 -4.14 -29.45
C PRO B 141 -3.65 -2.64 -29.49
N SER B 142 -4.66 -1.85 -29.17
CA SER B 142 -4.55 -0.40 -29.16
C SER B 142 -3.67 0.05 -28.00
N ALA B 143 -3.90 -0.54 -26.82
CA ALA B 143 -3.12 -0.22 -25.63
C ALA B 143 -1.65 -0.60 -25.82
N ILE B 144 -1.43 -1.81 -26.32
CA ILE B 144 -0.07 -2.30 -26.57
C ILE B 144 0.63 -1.38 -27.58
N GLU B 145 -0.11 -1.00 -28.62
CA GLU B 145 0.40 -0.13 -29.66
C GLU B 145 0.86 1.19 -29.05
N THR B 146 0.03 1.73 -28.16
CA THR B 146 0.34 2.99 -27.49
C THR B 146 1.54 2.83 -26.58
N LEU B 147 1.63 1.67 -25.94
CA LEU B 147 2.73 1.40 -25.03
C LEU B 147 4.09 1.43 -25.75
N ARG B 148 4.20 0.70 -26.86
CA ARG B 148 5.45 0.68 -27.59
C ARG B 148 5.84 2.02 -28.18
N VAL B 149 4.85 2.81 -28.61
CA VAL B 149 5.14 4.11 -29.20
C VAL B 149 5.32 5.26 -28.23
N ARG B 150 4.45 5.33 -27.21
CA ARG B 150 4.52 6.43 -26.25
C ARG B 150 5.28 6.15 -24.96
N LEU B 151 5.20 4.93 -24.45
CA LEU B 151 5.86 4.61 -23.18
C LEU B 151 7.30 4.08 -23.27
N LEU B 152 7.53 3.09 -24.11
CA LEU B 152 8.87 2.51 -24.27
C LEU B 152 10.03 3.51 -24.34
N PRO B 153 9.87 4.62 -25.10
CA PRO B 153 10.97 5.60 -25.19
C PRO B 153 11.25 6.30 -23.86
N GLN B 154 10.48 5.96 -22.84
CA GLN B 154 10.65 6.57 -21.53
C GLN B 154 11.14 5.64 -20.44
N VAL B 155 11.21 4.34 -20.71
CA VAL B 155 11.63 3.41 -19.70
C VAL B 155 13.14 3.14 -19.68
N SER B 156 13.69 3.07 -18.47
CA SER B 156 15.10 2.79 -18.29
C SER B 156 15.31 1.28 -18.41
N LEU B 157 14.38 0.51 -17.84
CA LEU B 157 14.48 -0.93 -17.89
C LEU B 157 13.12 -1.60 -18.01
N ILE B 158 12.99 -2.51 -18.96
CA ILE B 158 11.76 -3.24 -19.14
C ILE B 158 12.08 -4.68 -18.71
N THR B 159 11.12 -5.37 -18.11
CA THR B 159 11.38 -6.72 -17.61
C THR B 159 10.37 -7.77 -18.06
N PRO B 160 10.30 -8.07 -19.36
CA PRO B 160 9.34 -9.07 -19.86
C PRO B 160 9.90 -10.48 -19.90
N ASN B 161 9.00 -11.47 -19.95
CA ASN B 161 9.42 -12.86 -20.10
C ASN B 161 9.31 -13.09 -21.61
N LEU B 162 9.55 -14.32 -22.08
CA LEU B 162 9.48 -14.58 -23.51
C LEU B 162 8.14 -14.24 -24.18
N PRO B 163 7.03 -14.75 -23.63
CA PRO B 163 5.71 -14.48 -24.21
C PRO B 163 5.40 -12.99 -24.33
N GLU B 164 5.76 -12.22 -23.30
CA GLU B 164 5.51 -10.79 -23.28
C GLU B 164 6.38 -10.03 -24.28
N ALA B 165 7.64 -10.45 -24.41
CA ALA B 165 8.54 -9.79 -25.33
C ALA B 165 8.02 -9.94 -26.76
N ALA B 166 7.61 -11.16 -27.13
CA ALA B 166 7.08 -11.40 -28.46
C ALA B 166 5.86 -10.52 -28.70
N ALA B 167 4.99 -10.44 -27.70
CA ALA B 167 3.78 -9.63 -27.82
C ALA B 167 4.13 -8.16 -28.03
N LEU B 168 5.12 -7.65 -27.29
CA LEU B 168 5.52 -6.26 -27.42
C LEU B 168 6.12 -5.98 -28.80
N LEU B 169 6.76 -6.99 -29.37
CA LEU B 169 7.38 -6.86 -30.68
C LEU B 169 6.48 -7.36 -31.79
N ASP B 170 5.34 -7.92 -31.42
CA ASP B 170 4.40 -8.47 -32.40
C ASP B 170 5.19 -9.45 -33.24
N ALA B 171 5.94 -10.32 -32.56
CA ALA B 171 6.77 -11.32 -33.22
C ALA B 171 6.51 -12.71 -32.64
N PRO B 172 7.00 -13.76 -33.33
CA PRO B 172 6.80 -15.12 -32.83
C PRO B 172 7.59 -15.37 -31.55
N HIS B 173 7.08 -16.28 -30.72
CA HIS B 173 7.74 -16.63 -29.47
C HIS B 173 9.15 -17.11 -29.82
N ALA B 174 10.16 -16.56 -29.15
CA ALA B 174 11.55 -16.93 -29.40
C ALA B 174 11.77 -18.42 -29.25
N ARG B 175 12.25 -19.07 -30.32
CA ARG B 175 12.52 -20.50 -30.30
C ARG B 175 13.90 -20.83 -29.75
N THR B 176 14.89 -20.02 -30.10
CA THR B 176 16.26 -20.26 -29.65
C THR B 176 16.89 -19.07 -28.93
N GLU B 177 18.11 -19.25 -28.44
CA GLU B 177 18.83 -18.20 -27.73
C GLU B 177 19.08 -17.00 -28.64
N GLN B 178 19.45 -17.27 -29.89
CA GLN B 178 19.71 -16.20 -30.85
C GLN B 178 18.49 -15.33 -31.07
N GLU B 179 17.34 -15.95 -31.27
CA GLU B 179 16.11 -15.21 -31.49
C GLU B 179 15.79 -14.38 -30.25
N MET B 180 16.05 -14.97 -29.08
CA MET B 180 15.81 -14.29 -27.81
C MET B 180 16.72 -13.07 -27.68
N LEU B 181 17.99 -13.22 -28.07
CA LEU B 181 18.94 -12.12 -28.00
C LEU B 181 18.54 -11.02 -29.00
N ALA B 182 18.03 -11.44 -30.15
CA ALA B 182 17.59 -10.51 -31.18
C ALA B 182 16.44 -9.64 -30.65
N GLN B 183 15.49 -10.26 -29.96
CA GLN B 183 14.36 -9.53 -29.40
C GLN B 183 14.81 -8.55 -28.32
N GLY B 184 15.77 -8.96 -27.50
CA GLY B 184 16.27 -8.07 -26.46
C GLY B 184 16.84 -6.82 -27.10
N ARG B 185 17.65 -7.01 -28.15
CA ARG B 185 18.25 -5.88 -28.86
C ARG B 185 17.20 -5.05 -29.58
N ALA B 186 16.15 -5.69 -30.09
CA ALA B 186 15.09 -4.98 -30.78
C ALA B 186 14.38 -4.02 -29.81
N LEU B 187 14.14 -4.49 -28.60
CA LEU B 187 13.49 -3.67 -27.59
C LEU B 187 14.32 -2.45 -27.19
N LEU B 188 15.64 -2.59 -27.25
CA LEU B 188 16.52 -1.46 -26.93
C LEU B 188 16.33 -0.41 -28.02
N ALA B 189 16.39 -0.86 -29.27
CA ALA B 189 16.23 0.04 -30.42
C ALA B 189 14.90 0.79 -30.32
N MET B 190 13.92 0.18 -29.68
CA MET B 190 12.62 0.81 -29.53
C MET B 190 12.62 1.96 -28.52
N GLY B 191 13.73 2.16 -27.82
CA GLY B 191 13.79 3.25 -26.85
C GLY B 191 14.19 2.87 -25.43
N CYS B 192 13.99 1.60 -25.08
CA CYS B 192 14.36 1.15 -23.73
C CYS B 192 15.86 1.28 -23.52
N GLU B 193 16.25 1.83 -22.38
CA GLU B 193 17.66 2.00 -22.06
C GLU B 193 18.29 0.64 -21.79
N ALA B 194 17.50 -0.27 -21.25
CA ALA B 194 17.98 -1.60 -20.92
C ALA B 194 16.82 -2.58 -20.91
N VAL B 195 17.12 -3.86 -21.08
CA VAL B 195 16.09 -4.89 -21.10
C VAL B 195 16.55 -6.09 -20.28
N LEU B 196 15.64 -6.63 -19.47
CA LEU B 196 15.94 -7.82 -18.68
C LEU B 196 14.99 -8.91 -19.13
N MET B 197 15.41 -9.70 -20.12
CA MET B 197 14.60 -10.80 -20.65
C MET B 197 14.58 -11.95 -19.65
N LYS B 198 13.40 -12.26 -19.14
CA LYS B 198 13.26 -13.34 -18.17
C LYS B 198 12.99 -14.67 -18.87
N GLY B 199 13.90 -15.62 -18.68
CA GLY B 199 13.75 -16.92 -19.30
C GLY B 199 12.72 -17.81 -18.62
N ASP B 209 18.08 -15.59 -17.15
CA ASP B 209 17.81 -14.17 -17.43
C ASP B 209 18.98 -13.48 -18.12
N TRP B 210 18.66 -12.64 -19.10
CA TRP B 210 19.67 -11.90 -19.84
C TRP B 210 19.41 -10.40 -19.76
N LEU B 211 20.44 -9.65 -19.40
CA LEU B 211 20.35 -8.20 -19.30
C LEU B 211 20.96 -7.57 -20.55
N PHE B 212 20.19 -6.70 -21.20
CA PHE B 212 20.64 -6.02 -22.41
C PHE B 212 20.89 -4.54 -22.18
N THR B 213 22.01 -4.06 -22.70
CA THR B 213 22.40 -2.66 -22.60
C THR B 213 23.13 -2.33 -23.91
N ARG B 214 23.39 -1.05 -24.16
CA ARG B 214 24.10 -0.67 -25.37
C ARG B 214 25.44 -1.38 -25.39
N GLU B 215 26.01 -1.57 -24.19
CA GLU B 215 27.31 -2.22 -24.03
C GLU B 215 27.31 -3.65 -24.56
N GLY B 216 26.34 -4.44 -24.10
CA GLY B 216 26.25 -5.82 -24.54
C GLY B 216 25.25 -6.61 -23.72
N GLU B 217 25.47 -7.90 -23.58
CA GLU B 217 24.56 -8.75 -22.81
C GLU B 217 25.24 -9.33 -21.58
N GLN B 218 24.43 -9.75 -20.61
CA GLN B 218 24.92 -10.34 -19.38
C GLN B 218 23.93 -11.38 -18.90
N ARG B 219 24.43 -12.59 -18.62
CA ARG B 219 23.59 -13.69 -18.16
C ARG B 219 23.47 -13.75 -16.64
N PHE B 220 22.30 -14.20 -16.18
CA PHE B 220 22.01 -14.32 -14.76
C PHE B 220 21.31 -15.65 -14.51
N ARG B 224 17.83 -22.05 -6.86
CA ARG B 224 16.67 -21.76 -7.69
C ARG B 224 15.39 -21.83 -6.87
N VAL B 225 14.25 -21.62 -7.52
CA VAL B 225 12.95 -21.63 -6.85
C VAL B 225 12.58 -23.01 -6.30
N ASN B 226 12.44 -23.08 -4.98
CA ASN B 226 12.08 -24.33 -4.31
C ASN B 226 10.87 -24.14 -3.40
N THR B 227 9.93 -23.34 -3.87
CA THR B 227 8.70 -23.08 -3.15
C THR B 227 7.57 -22.91 -4.15
N LYS B 228 6.34 -23.16 -3.70
CA LYS B 228 5.18 -23.05 -4.57
C LYS B 228 4.52 -21.68 -4.38
N ASN B 229 4.87 -21.02 -3.27
CA ASN B 229 4.31 -19.71 -2.96
C ASN B 229 5.09 -18.63 -3.70
N THR B 230 4.76 -18.45 -4.97
CA THR B 230 5.44 -17.47 -5.81
C THR B 230 4.54 -16.32 -6.24
N HIS B 231 3.38 -16.18 -5.59
CA HIS B 231 2.45 -15.11 -5.93
C HIS B 231 3.11 -13.74 -5.78
N GLY B 232 3.06 -12.92 -6.83
CA GLY B 232 3.64 -11.59 -6.79
C GLY B 232 5.13 -11.49 -7.07
N THR B 233 5.75 -12.57 -7.52
CA THR B 233 7.18 -12.57 -7.80
C THR B 233 7.53 -11.47 -8.81
N GLY B 234 6.82 -11.47 -9.93
CA GLY B 234 7.05 -10.48 -10.98
C GLY B 234 6.96 -9.05 -10.49
N CYS B 235 5.91 -8.73 -9.75
CA CYS B 235 5.74 -7.37 -9.20
C CYS B 235 6.91 -7.03 -8.27
N THR B 236 7.25 -7.99 -7.41
CA THR B 236 8.31 -7.80 -6.45
C THR B 236 9.68 -7.58 -7.08
N LEU B 237 10.03 -8.38 -8.08
CA LEU B 237 11.32 -8.21 -8.73
C LEU B 237 11.46 -6.84 -9.38
N SER B 238 10.42 -6.40 -10.10
CA SER B 238 10.49 -5.10 -10.75
C SER B 238 10.51 -3.97 -9.72
N ALA B 239 9.83 -4.16 -8.61
CA ALA B 239 9.82 -3.13 -7.57
C ALA B 239 11.22 -3.05 -6.96
N ALA B 240 11.83 -4.21 -6.74
CA ALA B 240 13.17 -4.31 -6.16
C ALA B 240 14.20 -3.65 -7.07
N LEU B 241 14.11 -3.92 -8.37
CA LEU B 241 15.03 -3.32 -9.33
C LEU B 241 14.91 -1.81 -9.29
N ALA B 242 13.69 -1.30 -9.14
CA ALA B 242 13.48 0.14 -9.08
C ALA B 242 14.08 0.75 -7.81
N ALA B 243 13.78 0.14 -6.68
CA ALA B 243 14.27 0.64 -5.39
C ALA B 243 15.79 0.60 -5.25
N LEU B 244 16.41 -0.42 -5.82
CA LEU B 244 17.84 -0.58 -5.73
C LEU B 244 18.67 0.15 -6.77
N ARG B 245 18.08 0.46 -7.93
CA ARG B 245 18.82 1.14 -8.99
C ARG B 245 19.67 2.34 -8.52
N PRO B 246 19.07 3.27 -7.77
CA PRO B 246 19.79 4.46 -7.29
C PRO B 246 20.96 4.16 -6.36
N ARG B 247 21.03 2.95 -5.82
CA ARG B 247 22.11 2.59 -4.91
C ARG B 247 23.25 1.87 -5.62
N HIS B 248 23.16 1.73 -6.94
CA HIS B 248 24.20 1.05 -7.69
C HIS B 248 24.78 1.83 -8.84
N ARG B 249 25.90 1.30 -9.36
CA ARG B 249 26.62 1.93 -10.46
C ARG B 249 25.98 1.65 -11.81
N SER B 250 25.52 0.41 -12.00
CA SER B 250 24.93 -0.02 -13.26
C SER B 250 23.75 -0.94 -13.04
N TRP B 251 23.05 -1.29 -14.13
CA TRP B 251 21.92 -2.21 -14.04
C TRP B 251 22.40 -3.61 -13.68
N GLY B 252 23.61 -3.95 -14.14
CA GLY B 252 24.15 -5.26 -13.85
C GLY B 252 24.25 -5.50 -12.35
N GLU B 253 24.79 -4.53 -11.63
CA GLU B 253 24.92 -4.64 -10.19
C GLU B 253 23.57 -4.65 -9.51
N THR B 254 22.68 -3.73 -9.88
CA THR B 254 21.36 -3.70 -9.26
C THR B 254 20.56 -4.97 -9.58
N VAL B 255 20.72 -5.51 -10.79
CA VAL B 255 20.02 -6.74 -11.15
C VAL B 255 20.54 -7.88 -10.27
N ASN B 256 21.84 -7.84 -10.01
CA ASN B 256 22.45 -8.88 -9.20
C ASN B 256 21.97 -8.83 -7.75
N GLU B 257 21.92 -7.65 -7.16
CA GLU B 257 21.47 -7.53 -5.78
C GLU B 257 19.97 -7.82 -5.69
N ALA B 258 19.21 -7.33 -6.65
CA ALA B 258 17.76 -7.54 -6.67
C ALA B 258 17.38 -9.01 -6.69
N LYS B 259 18.07 -9.80 -7.50
CA LYS B 259 17.78 -11.22 -7.57
C LYS B 259 18.17 -11.94 -6.29
N ALA B 260 19.30 -11.56 -5.70
CA ALA B 260 19.75 -12.19 -4.45
C ALA B 260 18.68 -11.96 -3.38
N TRP B 261 18.21 -10.72 -3.28
CA TRP B 261 17.19 -10.36 -2.30
C TRP B 261 15.91 -11.15 -2.55
N LEU B 262 15.48 -11.22 -3.80
CA LEU B 262 14.26 -11.94 -4.15
C LEU B 262 14.34 -13.42 -3.77
N SER B 263 15.47 -14.07 -4.08
CA SER B 263 15.63 -15.47 -3.73
C SER B 263 15.44 -15.65 -2.22
N ALA B 264 15.97 -14.71 -1.45
CA ALA B 264 15.84 -14.78 0.01
C ALA B 264 14.39 -14.62 0.43
N ALA B 265 13.63 -13.81 -0.30
CA ALA B 265 12.22 -13.60 0.02
C ALA B 265 11.43 -14.87 -0.30
N LEU B 266 11.78 -15.51 -1.41
CA LEU B 266 11.10 -16.74 -1.79
C LEU B 266 11.46 -17.86 -0.83
N ALA B 267 12.70 -17.86 -0.36
CA ALA B 267 13.16 -18.91 0.55
C ALA B 267 12.47 -18.84 1.92
N GLN B 268 11.71 -17.78 2.16
CA GLN B 268 11.01 -17.62 3.43
C GLN B 268 9.50 -17.60 3.22
N ALA B 269 9.08 -17.69 1.97
CA ALA B 269 7.68 -17.67 1.61
C ALA B 269 6.83 -18.66 2.41
N ASP B 270 7.38 -19.85 2.65
CA ASP B 270 6.64 -20.86 3.38
C ASP B 270 6.40 -20.57 4.87
N THR B 271 7.20 -19.67 5.44
CA THR B 271 7.03 -19.35 6.86
C THR B 271 5.83 -18.42 7.10
N LEU B 272 5.22 -17.92 6.03
CA LEU B 272 4.06 -17.04 6.16
C LEU B 272 2.79 -17.86 6.24
N GLU B 273 1.72 -17.25 6.74
CA GLU B 273 0.45 -17.94 6.88
C GLU B 273 -0.68 -17.19 6.18
N VAL B 274 -0.55 -16.97 4.87
CA VAL B 274 -1.58 -16.25 4.17
C VAL B 274 -2.13 -16.97 2.94
N GLY B 275 -3.45 -17.11 2.91
CA GLY B 275 -4.13 -17.74 1.79
C GLY B 275 -4.22 -19.26 1.80
N LYS B 276 -5.08 -19.76 0.94
CA LYS B 276 -5.31 -21.20 0.78
C LYS B 276 -4.82 -21.63 -0.59
N GLY B 277 -4.40 -20.64 -1.39
CA GLY B 277 -3.91 -20.91 -2.72
C GLY B 277 -2.41 -20.76 -2.79
N ILE B 278 -1.95 -19.95 -3.73
CA ILE B 278 -0.52 -19.71 -3.92
C ILE B 278 -0.10 -18.49 -3.11
N GLY B 279 0.66 -18.72 -2.05
CA GLY B 279 1.10 -17.62 -1.20
C GLY B 279 2.10 -16.67 -1.81
N PRO B 280 2.33 -15.51 -1.15
CA PRO B 280 3.28 -14.50 -1.65
C PRO B 280 4.66 -14.75 -1.04
N VAL B 281 5.68 -14.08 -1.58
CA VAL B 281 7.02 -14.24 -1.04
C VAL B 281 7.00 -13.46 0.27
N HIS B 282 8.08 -13.54 1.05
CA HIS B 282 8.14 -12.79 2.31
C HIS B 282 9.05 -11.59 2.15
N HIS B 283 8.44 -10.45 1.81
CA HIS B 283 9.15 -9.19 1.59
C HIS B 283 10.03 -8.73 2.75
N PHE B 284 9.65 -9.07 3.98
CA PHE B 284 10.42 -8.64 5.14
C PHE B 284 11.24 -9.73 5.82
N HIS B 285 11.66 -10.70 5.02
CA HIS B 285 12.46 -11.82 5.49
C HIS B 285 13.69 -11.36 6.26
N ALA B 286 14.19 -10.18 5.92
CA ALA B 286 15.37 -9.64 6.56
C ALA B 286 15.08 -8.93 7.87
N TRP B 287 13.81 -8.68 8.15
CA TRP B 287 13.45 -7.97 9.38
C TRP B 287 12.70 -8.75 10.43
N TRP B 288 11.83 -9.66 10.02
CA TRP B 288 11.06 -10.46 10.97
C TRP B 288 10.48 -11.71 10.33
S SO4 C . -7.55 11.06 12.88
O1 SO4 C . -6.67 10.30 11.98
O2 SO4 C . -8.94 11.05 12.37
O3 SO4 C . -7.53 10.45 14.23
O4 SO4 C . -7.08 12.46 12.96
S SO4 D . -7.05 9.37 4.74
O1 SO4 D . -6.13 8.50 5.50
O2 SO4 D . -7.62 8.59 3.61
O3 SO4 D . -8.13 9.81 5.64
O4 SO4 D . -6.33 10.54 4.22
S SO4 E . 5.16 -10.41 -14.50
O1 SO4 E . 4.30 -10.23 -15.69
O2 SO4 E . 4.55 -9.73 -13.34
O3 SO4 E . 5.30 -11.86 -14.20
O4 SO4 E . 6.48 -9.84 -14.77
S SO4 F . -1.92 -7.15 -10.53
O1 SO4 F . -2.73 -6.03 -10.03
O2 SO4 F . -0.51 -6.71 -10.63
O3 SO4 F . -2.02 -8.30 -9.61
O4 SO4 F . -2.41 -7.55 -11.86
#